data_8ZXU
#
_entry.id   8ZXU
#
_cell.length_a   38.267
_cell.length_b   148.331
_cell.length_c   72.952
_cell.angle_alpha   90.00
_cell.angle_beta   90.00
_cell.angle_gamma   90.00
#
_symmetry.space_group_name_H-M   'P 1 21 1'
#
loop_
_entity.id
_entity.type
_entity.pdbx_description
1 polymer 'Thiol peroxidase'
2 non-polymer 'TETRAETHYLENE GLYCOL'
3 non-polymer 'HYDROGEN PEROXIDE'
4 non-polymer O-tert-Butylhydroxylamine
5 non-polymer IMIDAZOLE
6 non-polymer 1-HYDROXYSULFANYL-4-MERCAPTO-BUTANE-2,3-DIOL
7 non-polymer (2R,3S)-1,4-DIMERCAPTOBUTANE-2,3-DIOL
8 water water
#
_entity_poly.entity_id   1
_entity_poly.type   'polypeptide(L)'
_entity_poly.pdbx_seq_one_letter_code
;QQINEGDFAPDFTVLDNDLNQVTLADYAGKKKLISVVPSIDTGVCDQQTRKFNSDASKEEGIVLTISADLPFAQKRWCAS
AGLDNVITLSDHRDLSFGENYGVVMEELRLLARAVFVLDADNKVVYKEIVSEGTDFPDFDAALAAYKNI
;
_entity_poly.pdbx_strand_id   A,B,C,D
#
# COMPACT_ATOMS: atom_id res chain seq x y z
N GLN A 1 17.28 -15.22 3.90
CA GLN A 1 17.58 -16.44 4.71
C GLN A 1 16.25 -17.11 5.12
N GLN A 2 16.18 -17.61 6.37
CA GLN A 2 15.00 -18.19 6.95
C GLN A 2 14.66 -17.41 8.22
N ILE A 3 13.39 -17.03 8.39
CA ILE A 3 12.94 -16.33 9.58
C ILE A 3 12.50 -17.35 10.60
N ASN A 4 12.96 -17.19 11.81
CA ASN A 4 12.50 -18.07 12.90
C ASN A 4 11.73 -17.23 13.94
N GLU A 5 10.65 -17.86 14.42
CA GLU A 5 9.90 -17.24 15.49
C GLU A 5 10.84 -17.01 16.64
N GLY A 6 10.71 -15.84 17.27
CA GLY A 6 11.50 -15.45 18.43
C GLY A 6 12.63 -14.48 18.02
N ASP A 7 13.00 -14.53 16.75
CA ASP A 7 14.02 -13.66 16.22
C ASP A 7 13.39 -12.31 15.98
N PHE A 8 14.30 -11.32 16.03
CA PHE A 8 14.03 -9.97 15.62
C PHE A 8 13.89 -9.99 14.07
N ALA A 9 12.85 -9.28 13.57
CA ALA A 9 12.53 -9.19 12.17
C ALA A 9 13.64 -8.41 11.48
N PRO A 10 14.08 -8.85 10.29
CA PRO A 10 15.03 -8.03 9.52
C PRO A 10 14.30 -6.84 8.89
N ASP A 11 15.04 -5.76 8.71
CA ASP A 11 14.58 -4.60 8.00
C ASP A 11 14.54 -4.88 6.52
N PHE A 12 13.78 -4.02 5.85
CA PHE A 12 13.53 -4.13 4.39
C PHE A 12 13.29 -2.72 3.83
N THR A 13 13.33 -2.64 2.49
CA THR A 13 12.97 -1.41 1.81
CA THR A 13 13.05 -1.43 1.75
C THR A 13 11.99 -1.76 0.71
N VAL A 14 10.78 -1.18 0.81
CA VAL A 14 9.71 -1.34 -0.16
C VAL A 14 9.15 0.00 -0.55
N LEU A 15 8.22 0.03 -1.50
CA LEU A 15 7.62 1.24 -2.01
C LEU A 15 6.14 1.34 -1.72
N ASP A 16 5.70 2.48 -1.23
CA ASP A 16 4.28 2.79 -1.01
C ASP A 16 3.66 3.13 -2.35
N ASN A 17 2.32 3.36 -2.32
CA ASN A 17 1.61 3.63 -3.54
C ASN A 17 1.93 4.98 -4.15
N ASP A 18 2.69 5.76 -3.39
CA ASP A 18 3.09 7.11 -3.84
C ASP A 18 4.57 7.16 -4.20
N LEU A 19 5.21 5.99 -4.31
CA LEU A 19 6.59 5.79 -4.74
C LEU A 19 7.61 6.20 -3.68
N ASN A 20 7.16 6.39 -2.46
CA ASN A 20 8.06 6.63 -1.36
C ASN A 20 8.66 5.35 -0.83
N GLN A 21 9.91 5.41 -0.37
CA GLN A 21 10.59 4.32 0.31
C GLN A 21 9.99 4.13 1.72
N VAL A 22 9.64 2.88 2.04
CA VAL A 22 9.13 2.49 3.35
C VAL A 22 9.99 1.35 3.91
N THR A 23 10.34 1.49 5.23
CA THR A 23 11.13 0.48 5.92
C THR A 23 10.40 0.10 7.21
N LEU A 24 10.94 -0.83 7.97
CA LEU A 24 10.12 -1.40 9.06
C LEU A 24 9.99 -0.29 10.12
N ALA A 25 10.99 0.61 10.20
CA ALA A 25 11.00 1.72 11.14
C ALA A 25 9.90 2.75 10.91
N ASP A 26 9.31 2.83 9.72
CA ASP A 26 8.17 3.68 9.48
C ASP A 26 6.93 3.24 10.27
N TYR A 27 6.99 2.08 10.89
CA TYR A 27 5.88 1.61 11.72
C TYR A 27 6.30 1.39 13.18
N ALA A 28 7.32 2.19 13.58
CA ALA A 28 7.95 2.06 14.87
C ALA A 28 6.95 2.10 16.00
N GLY A 29 7.13 1.11 16.92
CA GLY A 29 6.29 1.10 18.08
C GLY A 29 4.97 0.34 17.94
N LYS A 30 4.64 -0.12 16.72
CA LYS A 30 3.41 -0.84 16.45
C LYS A 30 3.65 -2.34 16.27
N LYS A 31 2.68 -3.16 16.63
CA LYS A 31 2.64 -4.52 16.21
C LYS A 31 2.29 -4.49 14.72
N LYS A 32 2.63 -5.58 14.04
CA LYS A 32 2.38 -5.74 12.60
C LYS A 32 1.90 -7.14 12.33
N LEU A 33 0.92 -7.16 11.43
CA LEU A 33 0.57 -8.42 10.74
C LEU A 33 0.96 -8.22 9.27
N ILE A 34 1.95 -8.97 8.85
CA ILE A 34 2.44 -8.84 7.48
C ILE A 34 1.87 -10.02 6.69
N SER A 35 1.04 -9.64 5.70
CA SER A 35 0.42 -10.54 4.77
C SER A 35 1.08 -10.44 3.41
N VAL A 36 1.70 -11.52 2.95
CA VAL A 36 2.49 -11.57 1.73
C VAL A 36 1.67 -12.30 0.70
N VAL A 37 1.51 -11.75 -0.52
CA VAL A 37 0.86 -12.45 -1.60
C VAL A 37 1.67 -12.45 -2.92
N PRO A 38 1.44 -13.44 -3.79
CA PRO A 38 1.96 -13.42 -5.15
C PRO A 38 1.42 -12.27 -6.01
N SER A 39 0.09 -11.97 -5.94
CA SER A 39 -0.43 -10.83 -6.66
C SER A 39 -1.79 -10.46 -6.06
N ILE A 40 -1.99 -9.22 -5.75
CA ILE A 40 -3.27 -8.71 -5.30
C ILE A 40 -4.30 -8.80 -6.41
N ASP A 41 -3.90 -8.96 -7.65
CA ASP A 41 -4.78 -9.00 -8.82
C ASP A 41 -5.27 -10.44 -9.06
N THR A 42 -5.08 -11.34 -8.09
CA THR A 42 -5.63 -12.69 -8.15
C THR A 42 -6.67 -12.78 -7.02
N GLY A 43 -7.61 -13.70 -7.17
CA GLY A 43 -8.78 -13.76 -6.35
C GLY A 43 -8.47 -14.20 -4.93
N VAL A 44 -7.67 -15.29 -4.83
CA VAL A 44 -7.37 -15.76 -3.45
C VAL A 44 -6.60 -14.69 -2.65
N CYS A 45 -5.65 -13.99 -3.33
CA CYS A 45 -4.83 -12.97 -2.67
C CYS A 45 -5.67 -11.74 -2.27
N ASP A 46 -6.60 -11.34 -3.13
CA ASP A 46 -7.59 -10.33 -2.84
C ASP A 46 -8.34 -10.64 -1.57
N GLN A 47 -8.83 -11.87 -1.50
CA GLN A 47 -9.61 -12.31 -0.32
C GLN A 47 -8.81 -12.33 0.98
N GLN A 48 -7.54 -12.78 0.85
CA GLN A 48 -6.64 -12.73 1.99
C GLN A 48 -6.45 -11.29 2.50
N THR A 49 -6.23 -10.37 1.55
CA THR A 49 -5.95 -8.97 1.85
C THR A 49 -7.13 -8.36 2.60
N ARG A 50 -8.32 -8.56 2.04
CA ARG A 50 -9.55 -8.02 2.60
C ARG A 50 -9.83 -8.60 3.97
N LYS A 51 -9.61 -9.91 4.11
CA LYS A 51 -9.98 -10.47 5.42
C LYS A 51 -9.06 -10.05 6.56
N PHE A 52 -7.72 -10.10 6.32
CA PHE A 52 -6.83 -9.58 7.39
C PHE A 52 -7.16 -8.14 7.72
N ASN A 53 -7.40 -7.32 6.73
CA ASN A 53 -7.63 -5.88 6.96
C ASN A 53 -8.93 -5.63 7.73
N SER A 54 -9.99 -6.42 7.45
CA SER A 54 -11.28 -6.26 8.14
C SER A 54 -11.22 -6.83 9.56
N ASP A 55 -10.47 -7.92 9.74
CA ASP A 55 -10.59 -8.68 10.99
C ASP A 55 -9.61 -8.13 12.02
N ALA A 56 -8.48 -7.48 11.64
CA ALA A 56 -7.44 -7.10 12.58
C ALA A 56 -7.73 -5.72 13.11
N SER A 57 -7.68 -5.55 14.45
CA SER A 57 -7.84 -4.26 15.13
C SER A 57 -6.74 -3.31 14.69
N LYS A 58 -7.15 -2.26 13.96
CA LYS A 58 -6.20 -1.30 13.37
C LYS A 58 -6.16 -0.06 14.24
N GLU A 59 -6.89 -0.09 15.35
CA GLU A 59 -6.68 0.91 16.40
C GLU A 59 -5.49 0.41 17.21
N GLU A 60 -5.24 -0.91 17.17
CA GLU A 60 -4.24 -1.47 18.09
C GLU A 60 -2.87 -1.73 17.44
N GLY A 61 -2.79 -1.92 16.10
CA GLY A 61 -1.56 -2.28 15.40
C GLY A 61 -1.78 -2.09 13.88
N ILE A 62 -0.86 -2.57 13.01
CA ILE A 62 -0.81 -2.28 11.57
CA ILE A 62 -0.91 -2.28 11.57
C ILE A 62 -0.95 -3.59 10.79
N VAL A 63 -1.77 -3.63 9.66
CA VAL A 63 -1.72 -4.75 8.74
C VAL A 63 -0.98 -4.31 7.47
N LEU A 64 0.16 -4.90 7.18
CA LEU A 64 0.93 -4.64 5.93
C LEU A 64 0.58 -5.72 4.93
N THR A 65 0.31 -5.33 3.66
CA THR A 65 0.28 -6.20 2.54
C THR A 65 1.50 -5.98 1.66
N ILE A 66 2.30 -7.00 1.35
CA ILE A 66 3.56 -6.92 0.61
C ILE A 66 3.45 -7.86 -0.59
N SER A 67 3.75 -7.40 -1.80
CA SER A 67 3.79 -8.23 -2.98
C SER A 67 4.75 -7.65 -3.99
N ALA A 68 5.04 -8.43 -5.05
CA ALA A 68 5.79 -7.97 -6.22
C ALA A 68 4.90 -7.26 -7.25
N ASP A 69 3.64 -6.97 -7.00
CA ASP A 69 2.85 -6.12 -7.88
C ASP A 69 3.54 -4.79 -7.99
N LEU A 70 3.40 -4.10 -9.08
CA LEU A 70 3.95 -2.71 -9.15
C LEU A 70 3.15 -1.86 -8.20
N PRO A 71 3.72 -0.68 -7.74
CA PRO A 71 2.98 0.23 -6.92
C PRO A 71 1.68 0.70 -7.54
N PHE A 72 1.67 0.75 -8.90
CA PHE A 72 0.58 1.29 -9.67
C PHE A 72 -0.60 0.29 -9.63
N ALA A 73 -0.34 -1.03 -9.66
CA ALA A 73 -1.33 -2.06 -9.49
C ALA A 73 -1.95 -1.96 -8.09
N GLN A 74 -1.11 -1.77 -7.09
CA GLN A 74 -1.58 -1.84 -5.73
C GLN A 74 -2.47 -0.63 -5.43
N LYS A 75 -2.07 0.56 -5.96
CA LYS A 75 -2.89 1.77 -5.87
C LYS A 75 -4.24 1.61 -6.56
N ARG A 76 -4.23 1.03 -7.77
CA ARG A 76 -5.45 0.79 -8.50
C ARG A 76 -6.36 -0.21 -7.73
N TRP A 77 -5.74 -1.21 -7.07
CA TRP A 77 -6.53 -2.21 -6.38
C TRP A 77 -7.33 -1.53 -5.27
N CYS A 78 -6.64 -0.69 -4.47
CA CYS A 78 -7.25 -0.07 -3.31
C CYS A 78 -8.44 0.80 -3.77
N ALA A 79 -8.23 1.51 -4.91
CA ALA A 79 -9.28 2.40 -5.43
C ALA A 79 -10.48 1.56 -5.89
N SER A 80 -10.17 0.49 -6.62
CA SER A 80 -11.19 -0.43 -7.15
CA SER A 80 -11.19 -0.42 -7.16
C SER A 80 -12.00 -1.07 -6.03
N ALA A 81 -11.35 -1.37 -4.90
CA ALA A 81 -11.99 -2.05 -3.78
C ALA A 81 -12.80 -1.02 -2.98
N GLY A 82 -12.45 0.28 -3.18
CA GLY A 82 -13.16 1.35 -2.46
C GLY A 82 -12.75 1.39 -1.02
N LEU A 83 -11.49 1.02 -0.72
CA LEU A 83 -10.91 1.05 0.61
C LEU A 83 -9.75 2.05 0.67
N ASP A 84 -9.74 3.04 1.59
CA ASP A 84 -8.62 3.96 1.77
C ASP A 84 -7.80 3.66 3.06
N ASN A 85 -8.16 2.59 3.74
CA ASN A 85 -7.57 2.22 5.02
C ASN A 85 -6.66 1.01 4.94
N VAL A 86 -6.22 0.64 3.72
CA VAL A 86 -5.52 -0.59 3.48
C VAL A 86 -4.10 -0.23 3.00
N ILE A 87 -3.10 -0.72 3.76
CA ILE A 87 -1.70 -0.44 3.42
C ILE A 87 -1.18 -1.52 2.50
N THR A 88 -0.68 -1.13 1.30
CA THR A 88 -0.07 -2.05 0.37
C THR A 88 1.32 -1.51 0.04
N LEU A 89 2.29 -2.40 -0.04
CA LEU A 89 3.68 -2.02 -0.27
C LEU A 89 4.25 -2.97 -1.32
N SER A 90 5.19 -2.49 -2.18
CA SER A 90 5.55 -3.14 -3.40
C SER A 90 7.03 -3.49 -3.23
N ASP A 91 7.36 -4.76 -3.34
CA ASP A 91 8.71 -5.24 -3.29
C ASP A 91 9.34 -5.44 -4.69
N HIS A 92 8.70 -4.85 -5.73
CA HIS A 92 9.09 -5.17 -7.09
C HIS A 92 10.53 -4.84 -7.43
N ARG A 93 11.08 -3.75 -6.83
CA ARG A 93 12.32 -3.26 -7.41
C ARG A 93 13.48 -4.19 -7.10
N ASP A 94 13.54 -4.64 -5.83
CA ASP A 94 14.75 -5.24 -5.29
C ASP A 94 14.51 -6.65 -4.72
N LEU A 95 13.24 -6.96 -4.42
CA LEU A 95 12.87 -8.10 -3.59
C LEU A 95 13.60 -8.05 -2.24
N SER A 96 13.81 -6.84 -1.74
CA SER A 96 14.39 -6.61 -0.43
C SER A 96 13.66 -7.41 0.62
N PHE A 97 12.35 -7.18 0.71
CA PHE A 97 11.53 -7.88 1.69
C PHE A 97 11.57 -9.39 1.45
N GLY A 98 11.30 -9.82 0.21
CA GLY A 98 11.21 -11.25 -0.10
C GLY A 98 12.51 -12.00 0.22
N GLU A 99 13.67 -11.44 -0.11
CA GLU A 99 14.94 -12.10 0.14
C GLU A 99 15.16 -12.13 1.65
N ASN A 100 14.88 -11.03 2.34
CA ASN A 100 15.16 -10.96 3.78
C ASN A 100 14.23 -11.88 4.55
N TYR A 101 13.03 -12.20 4.04
CA TYR A 101 12.05 -13.02 4.73
C TYR A 101 11.96 -14.42 4.19
N GLY A 102 12.73 -14.75 3.11
CA GLY A 102 12.82 -16.07 2.53
C GLY A 102 11.55 -16.56 1.85
N VAL A 103 10.88 -15.64 1.11
CA VAL A 103 9.58 -15.91 0.49
C VAL A 103 9.61 -15.60 -1.00
N VAL A 104 10.75 -15.59 -1.63
CA VAL A 104 10.73 -15.46 -3.09
C VAL A 104 10.50 -16.79 -3.76
N MET A 105 9.53 -16.84 -4.68
CA MET A 105 9.42 -17.88 -5.68
C MET A 105 10.34 -17.53 -6.85
N GLU A 106 11.54 -18.07 -6.85
CA GLU A 106 12.60 -17.64 -7.76
C GLU A 106 12.24 -17.87 -9.22
N GLU A 107 11.56 -18.98 -9.56
CA GLU A 107 11.28 -19.20 -10.98
C GLU A 107 10.23 -18.23 -11.48
N LEU A 108 9.37 -17.67 -10.63
CA LEU A 108 8.28 -16.77 -10.95
C LEU A 108 8.61 -15.27 -10.81
N ARG A 109 9.65 -14.94 -9.99
CA ARG A 109 9.89 -13.59 -9.48
C ARG A 109 8.63 -13.03 -8.84
N LEU A 110 7.99 -13.85 -7.97
CA LEU A 110 6.83 -13.46 -7.20
C LEU A 110 7.09 -13.85 -5.75
N LEU A 111 6.34 -13.27 -4.84
CA LEU A 111 6.46 -13.64 -3.42
C LEU A 111 5.43 -14.76 -3.14
N ALA A 112 5.85 -15.70 -2.31
CA ALA A 112 5.05 -16.84 -1.86
C ALA A 112 4.01 -16.31 -0.91
N ARG A 113 2.84 -17.02 -0.87
CA ARG A 113 1.84 -16.61 0.10
C ARG A 113 2.36 -16.91 1.50
N ALA A 114 2.28 -15.95 2.41
CA ALA A 114 2.85 -16.13 3.73
C ALA A 114 2.31 -15.10 4.70
N VAL A 115 2.51 -15.32 6.00
CA VAL A 115 2.06 -14.42 7.05
C VAL A 115 3.11 -14.40 8.16
N PHE A 116 3.49 -13.18 8.55
CA PHE A 116 4.34 -12.96 9.74
C PHE A 116 3.59 -12.05 10.69
N VAL A 117 3.65 -12.33 12.00
CA VAL A 117 3.23 -11.35 12.99
C VAL A 117 4.42 -10.93 13.86
N LEU A 118 4.55 -9.61 13.95
CA LEU A 118 5.63 -8.98 14.70
C LEU A 118 5.00 -8.24 15.86
N ASP A 119 5.58 -8.42 17.07
CA ASP A 119 5.22 -7.55 18.15
C ASP A 119 5.80 -6.14 18.01
N ALA A 120 5.47 -5.27 18.98
CA ALA A 120 5.86 -3.89 18.92
C ALA A 120 7.37 -3.67 18.96
N ASP A 121 8.13 -4.70 19.29
CA ASP A 121 9.58 -4.72 19.30
C ASP A 121 10.19 -5.44 18.11
N ASN A 122 9.32 -5.76 17.12
CA ASN A 122 9.69 -6.46 15.90
C ASN A 122 10.13 -7.89 16.21
N LYS A 123 9.70 -8.43 17.36
CA LYS A 123 9.88 -9.85 17.60
C LYS A 123 8.87 -10.65 16.78
N VAL A 124 9.37 -11.63 16.04
CA VAL A 124 8.51 -12.49 15.26
C VAL A 124 7.74 -13.48 16.11
N VAL A 125 6.44 -13.31 16.33
CA VAL A 125 5.64 -14.12 17.27
C VAL A 125 4.78 -15.11 16.49
N TYR A 126 4.71 -15.02 15.15
CA TYR A 126 3.98 -15.97 14.31
C TYR A 126 4.54 -16.01 12.89
N LYS A 127 4.58 -17.17 12.29
CA LYS A 127 4.99 -17.34 10.89
C LYS A 127 4.23 -18.48 10.24
N GLU A 128 3.71 -18.25 8.99
CA GLU A 128 3.14 -19.32 8.15
C GLU A 128 3.61 -19.07 6.71
N ILE A 129 4.29 -20.05 6.10
CA ILE A 129 4.47 -20.01 4.66
C ILE A 129 3.47 -21.02 4.13
N VAL A 130 2.53 -20.53 3.33
CA VAL A 130 1.35 -21.30 2.98
C VAL A 130 1.70 -22.51 2.11
N SER A 131 1.28 -23.72 2.55
CA SER A 131 1.76 -24.91 1.90
C SER A 131 1.10 -25.07 0.53
N GLU A 132 1.83 -25.85 -0.30
CA GLU A 132 1.28 -26.54 -1.48
C GLU A 132 -0.09 -27.16 -1.20
N GLY A 133 -1.10 -26.77 -1.99
CA GLY A 133 -2.41 -27.45 -1.87
C GLY A 133 -3.36 -26.88 -0.82
N THR A 134 -2.92 -25.84 -0.09
CA THR A 134 -3.72 -25.33 1.02
C THR A 134 -4.59 -24.18 0.54
N ASP A 135 -5.85 -24.18 0.95
CA ASP A 135 -6.78 -23.20 0.38
C ASP A 135 -6.37 -21.74 0.69
N PHE A 136 -6.21 -21.44 1.98
CA PHE A 136 -5.89 -20.08 2.43
C PHE A 136 -4.84 -20.14 3.55
N PRO A 137 -4.16 -19.05 3.94
CA PRO A 137 -3.48 -19.02 5.24
C PRO A 137 -4.44 -19.25 6.39
N ASP A 138 -3.91 -19.64 7.57
CA ASP A 138 -4.67 -19.78 8.81
C ASP A 138 -4.97 -18.38 9.38
N PHE A 139 -6.06 -17.75 8.94
CA PHE A 139 -6.48 -16.44 9.41
C PHE A 139 -6.52 -16.38 10.92
N ASP A 140 -7.20 -17.36 11.50
CA ASP A 140 -7.53 -17.33 12.92
C ASP A 140 -6.25 -17.37 13.75
N ALA A 141 -5.29 -18.26 13.36
CA ALA A 141 -4.05 -18.42 14.15
C ALA A 141 -3.26 -17.11 14.11
N ALA A 142 -3.18 -16.48 12.97
CA ALA A 142 -2.37 -15.25 12.81
C ALA A 142 -3.04 -14.15 13.60
N LEU A 143 -4.37 -14.05 13.42
CA LEU A 143 -5.17 -13.03 14.10
C LEU A 143 -5.10 -13.15 15.62
N ALA A 144 -5.09 -14.38 16.10
CA ALA A 144 -4.92 -14.60 17.53
C ALA A 144 -3.55 -14.15 18.01
N ALA A 145 -2.45 -14.41 17.25
CA ALA A 145 -1.13 -14.00 17.64
C ALA A 145 -1.09 -12.46 17.73
N TYR A 146 -1.66 -11.82 16.72
CA TYR A 146 -1.73 -10.39 16.66
C TYR A 146 -2.53 -9.80 17.85
N LYS A 147 -3.73 -10.37 18.10
CA LYS A 147 -4.61 -9.84 19.14
C LYS A 147 -3.94 -10.07 20.49
N ASN A 148 -3.14 -11.14 20.70
CA ASN A 148 -2.56 -11.47 21.99
C ASN A 148 -1.50 -10.50 22.43
N ILE A 149 -0.91 -9.75 21.49
CA ILE A 149 0.22 -8.86 21.82
C ILE A 149 -0.33 -7.68 22.66
N GLN B 1 7.43 15.98 28.68
CA GLN B 1 6.87 16.04 27.28
C GLN B 1 7.01 14.64 26.67
N GLN B 2 5.98 14.16 25.96
CA GLN B 2 5.82 12.72 25.80
C GLN B 2 6.19 12.31 24.37
N ILE B 3 7.18 11.40 24.36
CA ILE B 3 7.84 10.90 23.18
C ILE B 3 7.06 9.74 22.63
N ASN B 4 6.78 9.84 21.34
CA ASN B 4 6.16 8.73 20.61
C ASN B 4 7.07 8.27 19.52
N GLU B 5 7.22 6.94 19.38
CA GLU B 5 7.83 6.36 18.21
C GLU B 5 7.29 7.03 16.96
N GLY B 6 8.19 7.36 16.05
CA GLY B 6 7.89 8.12 14.82
C GLY B 6 8.09 9.62 14.89
N ASP B 7 8.07 10.18 16.09
CA ASP B 7 8.39 11.58 16.35
C ASP B 7 9.83 11.81 15.94
N PHE B 8 10.13 13.04 15.49
CA PHE B 8 11.52 13.48 15.49
C PHE B 8 11.91 13.96 16.90
N ALA B 9 13.00 13.43 17.43
CA ALA B 9 13.35 13.62 18.83
C ALA B 9 13.69 15.07 19.09
N PRO B 10 13.23 15.59 20.27
CA PRO B 10 13.59 16.95 20.62
C PRO B 10 15.02 17.13 21.01
N ASP B 11 15.49 18.36 20.84
CA ASP B 11 16.80 18.74 21.29
C ASP B 11 16.79 18.99 22.78
N PHE B 12 17.97 19.22 23.30
CA PHE B 12 18.18 19.32 24.74
C PHE B 12 19.57 19.94 24.94
N THR B 13 19.81 20.35 26.22
CA THR B 13 21.10 20.87 26.62
C THR B 13 21.61 20.11 27.84
N VAL B 14 22.75 19.43 27.73
CA VAL B 14 23.33 18.70 28.87
C VAL B 14 24.82 19.01 28.96
N LEU B 15 25.51 18.57 30.04
CA LEU B 15 26.91 18.86 30.24
C LEU B 15 27.74 17.59 30.08
N ASP B 16 28.90 17.71 29.42
CA ASP B 16 29.84 16.58 29.36
C ASP B 16 30.70 16.66 30.62
N ASN B 17 31.69 15.77 30.74
CA ASN B 17 32.34 15.57 32.02
C ASN B 17 33.28 16.71 32.38
N ASP B 18 33.46 17.54 31.36
CA ASP B 18 34.32 18.73 31.50
C ASP B 18 33.48 20.00 31.61
N LEU B 19 32.15 19.88 31.71
CA LEU B 19 31.23 21.00 31.84
C LEU B 19 31.15 21.82 30.55
N ASN B 20 31.40 21.17 29.45
CA ASN B 20 31.06 21.72 28.15
CA ASN B 20 31.07 21.70 28.15
C ASN B 20 29.62 21.38 27.79
N GLN B 21 28.90 22.31 27.14
CA GLN B 21 27.51 22.07 26.80
C GLN B 21 27.43 21.20 25.55
N VAL B 22 26.57 20.17 25.64
CA VAL B 22 26.33 19.19 24.58
C VAL B 22 24.83 19.18 24.24
N THR B 23 24.55 19.16 22.91
CA THR B 23 23.22 19.02 22.40
C THR B 23 23.16 17.85 21.40
N LEU B 24 21.95 17.56 20.89
CA LEU B 24 21.75 16.55 19.86
C LEU B 24 22.69 16.75 18.70
N ALA B 25 22.90 18.02 18.29
CA ALA B 25 23.70 18.39 17.15
C ALA B 25 25.16 17.95 17.26
N ASP B 26 25.64 17.73 18.47
CA ASP B 26 27.02 17.29 18.65
C ASP B 26 27.16 15.82 18.17
N TYR B 27 26.06 15.15 17.88
CA TYR B 27 26.01 13.79 17.40
C TYR B 27 25.26 13.69 16.09
N ALA B 28 25.31 14.77 15.30
CA ALA B 28 24.63 14.75 14.01
C ALA B 28 25.15 13.64 13.10
N GLY B 29 24.22 13.01 12.38
CA GLY B 29 24.61 12.04 11.37
C GLY B 29 24.72 10.59 11.88
N LYS B 30 24.64 10.42 13.21
CA LYS B 30 24.80 9.14 13.88
C LYS B 30 23.46 8.71 14.41
N LYS B 31 23.27 7.39 14.51
CA LYS B 31 22.16 6.82 15.26
C LYS B 31 22.56 6.84 16.74
N LYS B 32 21.54 7.03 17.61
CA LYS B 32 21.81 7.20 19.05
C LYS B 32 20.96 6.19 19.83
N LEU B 33 21.65 5.43 20.68
CA LEU B 33 20.99 4.68 21.72
C LEU B 33 21.15 5.50 23.02
N ILE B 34 20.05 6.03 23.43
CA ILE B 34 20.05 6.86 24.63
C ILE B 34 19.64 5.98 25.79
N SER B 35 20.56 5.77 26.77
CA SER B 35 20.32 4.99 27.97
C SER B 35 20.21 5.92 29.18
N VAL B 36 19.02 6.03 29.74
CA VAL B 36 18.70 6.97 30.84
C VAL B 36 18.68 6.25 32.17
N VAL B 37 19.25 6.80 33.24
CA VAL B 37 19.32 6.14 34.51
C VAL B 37 19.08 7.12 35.64
N PRO B 38 18.57 6.67 36.78
CA PRO B 38 18.51 7.52 37.96
C PRO B 38 19.82 7.90 38.59
N SER B 39 20.81 7.04 38.53
CA SER B 39 22.15 7.38 38.98
C SER B 39 23.12 6.28 38.59
N ILE B 40 24.16 6.62 37.91
CA ILE B 40 25.22 5.73 37.57
C ILE B 40 25.95 5.18 38.79
N ASP B 41 25.70 5.75 39.98
CA ASP B 41 26.32 5.33 41.23
C ASP B 41 25.54 4.22 41.88
N THR B 42 24.57 3.60 41.18
CA THR B 42 23.77 2.49 41.72
C THR B 42 24.09 1.30 40.84
N GLY B 43 23.93 0.07 41.41
CA GLY B 43 24.49 -1.05 40.68
C GLY B 43 23.75 -1.42 39.38
N VAL B 44 22.44 -1.42 39.43
CA VAL B 44 21.61 -1.77 38.29
C VAL B 44 21.89 -0.83 37.12
N CYS B 45 22.06 0.47 37.43
CA CYS B 45 22.35 1.49 36.45
C CYS B 45 23.77 1.38 35.87
N ASP B 46 24.74 1.00 36.70
CA ASP B 46 26.07 0.62 36.30
C ASP B 46 26.06 -0.50 35.28
N GLN B 47 25.33 -1.57 35.60
CA GLN B 47 25.21 -2.71 34.69
C GLN B 47 24.52 -2.35 33.39
N GLN B 48 23.44 -1.53 33.45
CA GLN B 48 22.71 -1.09 32.25
C GLN B 48 23.70 -0.36 31.35
N THR B 49 24.46 0.60 31.91
CA THR B 49 25.37 1.47 31.20
C THR B 49 26.49 0.62 30.52
N ARG B 50 27.07 -0.30 31.30
CA ARG B 50 28.11 -1.18 30.77
C ARG B 50 27.59 -2.06 29.63
N LYS B 51 26.41 -2.64 29.84
CA LYS B 51 25.94 -3.58 28.83
C LYS B 51 25.63 -2.93 27.52
N PHE B 52 24.88 -1.78 27.54
CA PHE B 52 24.62 -1.15 26.25
C PHE B 52 25.92 -0.72 25.57
N ASN B 53 26.89 -0.22 26.32
CA ASN B 53 28.15 0.25 25.73
C ASN B 53 28.96 -0.91 25.17
N SER B 54 28.95 -2.11 25.79
CA SER B 54 29.71 -3.25 25.25
C SER B 54 28.99 -3.84 24.05
N ASP B 55 27.67 -3.90 24.07
CA ASP B 55 26.95 -4.69 23.07
C ASP B 55 26.63 -3.86 21.82
N ALA B 56 26.58 -2.53 21.87
CA ALA B 56 26.25 -1.70 20.72
C ALA B 56 27.49 -1.37 19.92
N SER B 57 27.40 -1.54 18.58
CA SER B 57 28.53 -1.22 17.72
C SER B 57 28.74 0.28 17.70
N LYS B 58 29.95 0.69 18.18
CA LYS B 58 30.43 2.07 18.33
C LYS B 58 31.14 2.49 17.04
N GLU B 59 31.41 1.52 16.17
CA GLU B 59 31.74 1.76 14.78
C GLU B 59 30.43 2.10 14.06
N GLU B 60 29.29 1.73 14.65
CA GLU B 60 27.98 1.81 13.99
C GLU B 60 27.29 3.18 14.15
N GLY B 61 27.28 3.73 15.39
CA GLY B 61 26.50 4.89 15.88
C GLY B 61 27.02 5.17 17.32
N ILE B 62 26.29 5.89 18.20
CA ILE B 62 26.66 6.40 19.50
CA ILE B 62 26.78 6.11 19.57
C ILE B 62 25.73 5.82 20.62
N VAL B 63 26.24 5.57 21.86
CA VAL B 63 25.49 5.14 23.03
C VAL B 63 25.68 6.28 24.03
N LEU B 64 24.62 7.01 24.29
CA LEU B 64 24.64 8.14 25.26
C LEU B 64 23.94 7.75 26.55
N THR B 65 24.67 7.94 27.66
CA THR B 65 24.19 7.72 28.98
C THR B 65 23.89 9.05 29.63
N ILE B 66 22.63 9.27 30.03
CA ILE B 66 22.16 10.57 30.53
C ILE B 66 21.53 10.36 31.89
N SER B 67 21.94 11.13 32.90
CA SER B 67 21.37 11.05 34.23
C SER B 67 21.50 12.44 34.85
N ALA B 68 21.00 12.53 36.06
CA ALA B 68 21.08 13.73 36.88
C ALA B 68 22.27 13.66 37.84
N ASP B 69 23.17 12.68 37.70
CA ASP B 69 24.42 12.72 38.44
C ASP B 69 25.12 14.04 38.07
N LEU B 70 25.82 14.61 39.00
CA LEU B 70 26.77 15.70 38.58
C LEU B 70 27.79 15.16 37.57
N PRO B 71 28.34 16.07 36.72
CA PRO B 71 29.38 15.73 35.76
C PRO B 71 30.57 15.08 36.44
N PHE B 72 30.83 15.52 37.70
CA PHE B 72 32.05 15.10 38.39
C PHE B 72 31.88 13.61 38.80
N ALA B 73 30.68 13.19 39.18
CA ALA B 73 30.41 11.79 39.47
C ALA B 73 30.59 10.93 38.21
N GLN B 74 30.11 11.39 37.10
CA GLN B 74 30.21 10.66 35.83
C GLN B 74 31.65 10.44 35.46
N LYS B 75 32.44 11.55 35.54
CA LYS B 75 33.89 11.48 35.20
C LYS B 75 34.56 10.45 36.11
N ARG B 76 34.25 10.47 37.40
CA ARG B 76 34.83 9.55 38.35
C ARG B 76 34.42 8.11 38.07
N TRP B 77 33.23 7.91 37.62
CA TRP B 77 32.70 6.57 37.37
C TRP B 77 33.45 5.97 36.19
N CYS B 78 33.64 6.77 35.14
CA CYS B 78 34.37 6.26 33.96
C CYS B 78 35.80 5.88 34.38
N ALA B 79 36.42 6.69 35.25
CA ALA B 79 37.80 6.39 35.71
C ALA B 79 37.83 5.10 36.51
N SER B 80 36.88 4.98 37.42
CA SER B 80 36.77 3.83 38.31
C SER B 80 36.56 2.54 37.50
N ALA B 81 35.78 2.64 36.40
CA ALA B 81 35.50 1.52 35.54
C ALA B 81 36.71 1.20 34.63
N GLY B 82 37.60 2.23 34.45
CA GLY B 82 38.76 1.99 33.58
C GLY B 82 38.38 2.10 32.13
N LEU B 83 37.29 2.83 31.81
CA LEU B 83 36.79 2.95 30.44
C LEU B 83 37.05 4.37 29.95
N ASP B 84 37.48 4.49 28.69
CA ASP B 84 37.76 5.79 28.09
C ASP B 84 36.82 6.04 26.90
N ASN B 85 35.88 5.14 26.57
CA ASN B 85 35.11 5.31 25.35
C ASN B 85 33.61 5.35 25.63
N VAL B 86 33.22 5.52 26.92
CA VAL B 86 31.84 5.67 27.37
C VAL B 86 31.50 7.16 27.48
N ILE B 87 30.43 7.58 26.79
CA ILE B 87 29.86 8.93 26.88
C ILE B 87 28.87 8.94 28.02
N THR B 88 29.11 9.80 28.96
CA THR B 88 28.15 10.11 29.98
C THR B 88 27.88 11.61 29.98
N LEU B 89 26.64 11.99 30.08
CA LEU B 89 26.23 13.40 30.03
C LEU B 89 25.29 13.72 31.18
N SER B 90 25.48 14.88 31.82
CA SER B 90 24.65 15.33 32.94
C SER B 90 23.51 16.28 32.60
N ASP B 91 22.36 15.92 33.06
CA ASP B 91 21.15 16.72 32.97
C ASP B 91 20.87 17.45 34.30
N HIS B 92 21.90 17.59 35.17
CA HIS B 92 21.62 18.05 36.52
C HIS B 92 21.10 19.49 36.59
N ARG B 93 21.62 20.32 35.69
CA ARG B 93 21.43 21.74 35.90
C ARG B 93 19.98 22.19 35.78
N ASP B 94 19.29 21.72 34.72
CA ASP B 94 18.06 22.31 34.24
C ASP B 94 17.04 21.20 33.95
N LEU B 95 17.43 19.89 33.94
CA LEU B 95 16.53 18.81 33.52
C LEU B 95 15.98 19.07 32.11
N SER B 96 16.80 19.68 31.28
CA SER B 96 16.45 19.88 29.89
C SER B 96 16.07 18.58 29.18
N PHE B 97 16.97 17.60 29.26
CA PHE B 97 16.73 16.31 28.60
C PHE B 97 15.48 15.67 29.22
N GLY B 98 15.48 15.52 30.57
CA GLY B 98 14.42 14.84 31.24
C GLY B 98 13.03 15.41 30.95
N GLU B 99 12.89 16.72 31.00
CA GLU B 99 11.57 17.34 30.77
C GLU B 99 11.20 17.15 29.30
N ASN B 100 12.16 17.28 28.36
CA ASN B 100 11.82 17.15 26.93
C ASN B 100 11.45 15.71 26.58
N TYR B 101 11.96 14.73 27.31
CA TYR B 101 11.76 13.35 26.94
C TYR B 101 10.77 12.70 27.87
N GLY B 102 10.23 13.46 28.87
CA GLY B 102 9.16 12.99 29.73
C GLY B 102 9.56 11.92 30.74
N VAL B 103 10.82 12.01 31.23
CA VAL B 103 11.37 10.98 32.10
C VAL B 103 11.82 11.54 33.46
N VAL B 104 11.31 12.71 33.86
CA VAL B 104 11.63 13.20 35.18
C VAL B 104 10.81 12.50 36.25
N MET B 105 11.50 11.94 37.26
CA MET B 105 10.79 11.51 38.45
C MET B 105 10.76 12.71 39.41
N GLU B 106 9.67 13.48 39.40
CA GLU B 106 9.71 14.81 39.94
C GLU B 106 9.85 14.82 41.45
N GLU B 107 9.29 13.86 42.15
CA GLU B 107 9.47 13.81 43.61
C GLU B 107 10.91 13.55 44.02
N LEU B 108 11.74 12.92 43.21
CA LEU B 108 13.11 12.56 43.51
C LEU B 108 14.13 13.54 42.85
N ARG B 109 13.74 14.27 41.78
CA ARG B 109 14.62 15.00 40.91
C ARG B 109 15.72 14.10 40.36
N LEU B 110 15.35 12.93 39.81
CA LEU B 110 16.21 12.05 39.10
C LEU B 110 15.45 11.65 37.84
N LEU B 111 16.23 11.13 36.89
CA LEU B 111 15.61 10.62 35.66
C LEU B 111 15.22 9.15 35.78
N ALA B 112 14.06 8.82 35.26
CA ALA B 112 13.58 7.43 35.28
C ALA B 112 14.46 6.56 34.33
N ARG B 113 14.63 5.26 34.63
CA ARG B 113 15.27 4.29 33.72
C ARG B 113 14.43 4.28 32.46
N ALA B 114 15.13 4.44 31.34
CA ALA B 114 14.50 4.55 30.03
C ALA B 114 15.53 4.28 28.98
N VAL B 115 15.01 3.93 27.76
CA VAL B 115 15.88 3.70 26.60
C VAL B 115 15.16 4.25 25.38
N PHE B 116 15.88 5.17 24.68
CA PHE B 116 15.39 5.63 23.38
C PHE B 116 16.38 5.23 22.32
N VAL B 117 15.87 4.86 21.14
CA VAL B 117 16.76 4.70 20.01
C VAL B 117 16.26 5.64 18.90
N LEU B 118 17.23 6.47 18.48
CA LEU B 118 17.02 7.42 17.44
C LEU B 118 17.82 7.00 16.23
N ASP B 119 17.15 7.07 15.05
CA ASP B 119 17.92 6.82 13.85
C ASP B 119 18.83 7.99 13.45
N ALA B 120 19.57 7.88 12.33
CA ALA B 120 20.55 8.94 12.00
C ALA B 120 19.88 10.27 11.63
N ASP B 121 18.54 10.28 11.43
CA ASP B 121 17.70 11.45 11.22
C ASP B 121 17.06 11.95 12.53
N ASN B 122 17.35 11.28 13.68
CA ASN B 122 16.72 11.54 14.99
C ASN B 122 15.23 11.19 15.03
N LYS B 123 14.74 10.36 14.08
CA LYS B 123 13.46 9.71 14.30
C LYS B 123 13.54 8.70 15.44
N VAL B 124 12.56 8.76 16.32
CA VAL B 124 12.49 7.84 17.45
C VAL B 124 12.00 6.51 16.90
N VAL B 125 12.80 5.45 16.91
CA VAL B 125 12.35 4.15 16.43
C VAL B 125 12.03 3.21 17.55
N TYR B 126 12.36 3.59 18.79
CA TYR B 126 12.11 2.64 19.87
C TYR B 126 12.13 3.46 21.15
N LYS B 127 11.25 3.08 22.02
CA LYS B 127 11.16 3.68 23.35
C LYS B 127 10.76 2.64 24.37
N GLU B 128 11.41 2.69 25.55
CA GLU B 128 11.00 1.92 26.72
C GLU B 128 11.27 2.77 27.94
N ILE B 129 10.22 3.13 28.61
CA ILE B 129 10.33 3.63 29.98
C ILE B 129 10.06 2.42 30.88
N VAL B 130 11.10 2.04 31.63
CA VAL B 130 11.13 0.74 32.30
C VAL B 130 10.03 0.73 33.34
N SER B 131 9.22 -0.35 33.33
CA SER B 131 8.06 -0.35 34.21
C SER B 131 8.57 -0.61 35.64
N GLU B 132 7.83 -0.13 36.66
CA GLU B 132 8.20 -0.38 38.04
C GLU B 132 8.14 -1.89 38.30
N GLY B 133 9.15 -2.44 38.97
CA GLY B 133 9.18 -3.86 39.27
C GLY B 133 9.82 -4.73 38.19
N THR B 134 10.20 -4.09 37.06
CA THR B 134 10.98 -4.75 36.03
C THR B 134 12.45 -4.64 36.37
N ASP B 135 13.13 -5.78 36.24
CA ASP B 135 14.54 -5.89 36.58
C ASP B 135 15.44 -4.88 35.83
N PHE B 136 15.40 -4.90 34.50
CA PHE B 136 16.30 -4.18 33.62
C PHE B 136 15.48 -3.73 32.42
N PRO B 137 15.94 -2.79 31.59
CA PRO B 137 15.40 -2.57 30.28
C PRO B 137 15.61 -3.81 29.40
N ASP B 138 14.84 -3.84 28.31
CA ASP B 138 14.93 -4.94 27.34
C ASP B 138 16.08 -4.56 26.40
N PHE B 139 17.27 -5.06 26.77
CA PHE B 139 18.48 -4.75 26.04
C PHE B 139 18.32 -5.20 24.60
N ASP B 140 17.80 -6.45 24.44
CA ASP B 140 17.88 -7.01 23.11
C ASP B 140 16.98 -6.21 22.18
N ALA B 141 15.76 -5.82 22.68
CA ALA B 141 14.84 -5.06 21.76
C ALA B 141 15.45 -3.73 21.35
N ALA B 142 16.05 -3.03 22.26
CA ALA B 142 16.62 -1.73 21.91
C ALA B 142 17.83 -1.94 20.99
N LEU B 143 18.66 -2.94 21.26
CA LEU B 143 19.81 -3.24 20.38
C LEU B 143 19.39 -3.63 18.97
N ALA B 144 18.25 -4.36 18.86
CA ALA B 144 17.71 -4.69 17.57
C ALA B 144 17.29 -3.47 16.79
N ALA B 145 16.62 -2.50 17.43
CA ALA B 145 16.16 -1.31 16.74
C ALA B 145 17.38 -0.49 16.35
N TYR B 146 18.40 -0.46 17.18
CA TYR B 146 19.69 0.17 16.85
C TYR B 146 20.36 -0.49 15.61
N LYS B 147 20.26 -1.82 15.46
CA LYS B 147 20.76 -2.54 14.31
C LYS B 147 19.97 -2.22 13.03
N ASN B 148 18.71 -1.78 13.08
CA ASN B 148 17.84 -1.74 11.89
C ASN B 148 18.16 -0.56 10.95
N ILE B 149 19.00 0.35 11.42
CA ILE B 149 18.98 1.72 10.98
C ILE B 149 19.72 1.86 9.62
N GLN C 1 -22.08 -9.31 -12.64
CA GLN C 1 -22.11 -10.70 -12.12
C GLN C 1 -23.47 -10.98 -11.47
N GLN C 2 -23.50 -11.93 -10.54
CA GLN C 2 -24.58 -12.00 -9.57
C GLN C 2 -23.97 -11.89 -8.17
N ILE C 3 -24.38 -10.83 -7.46
CA ILE C 3 -23.90 -10.50 -6.12
C ILE C 3 -24.78 -11.24 -5.14
N ASN C 4 -24.14 -11.91 -4.19
CA ASN C 4 -24.83 -12.51 -3.08
C ASN C 4 -24.35 -11.86 -1.79
N GLU C 5 -25.19 -11.93 -0.75
CA GLU C 5 -24.74 -11.55 0.57
C GLU C 5 -23.47 -12.33 0.86
N GLY C 6 -22.47 -11.64 1.41
CA GLY C 6 -21.18 -12.17 1.78
C GLY C 6 -20.08 -11.89 0.75
N ASP C 7 -20.52 -11.49 -0.46
CA ASP C 7 -19.62 -11.06 -1.50
C ASP C 7 -19.06 -9.68 -1.19
N PHE C 8 -17.94 -9.33 -1.85
CA PHE C 8 -17.43 -7.98 -1.83
C PHE C 8 -18.11 -7.16 -2.91
N ALA C 9 -18.25 -5.89 -2.61
CA ALA C 9 -18.96 -4.98 -3.52
C ALA C 9 -18.05 -4.67 -4.72
N PRO C 10 -18.54 -4.80 -5.98
CA PRO C 10 -17.84 -4.30 -7.12
C PRO C 10 -17.64 -2.81 -7.13
N ASP C 11 -16.68 -2.39 -7.92
CA ASP C 11 -16.55 -0.97 -8.25
C ASP C 11 -17.67 -0.56 -9.20
N PHE C 12 -17.81 0.75 -9.34
CA PHE C 12 -18.70 1.33 -10.34
C PHE C 12 -18.16 2.71 -10.73
N THR C 13 -18.61 3.16 -11.90
CA THR C 13 -18.34 4.54 -12.34
C THR C 13 -19.73 5.03 -12.79
N VAL C 14 -20.19 6.11 -12.16
CA VAL C 14 -21.49 6.70 -12.40
C VAL C 14 -21.32 8.20 -12.45
N LEU C 15 -22.39 8.91 -12.65
CA LEU C 15 -22.34 10.36 -12.85
C LEU C 15 -23.19 11.02 -11.79
N ASP C 16 -22.63 12.09 -11.13
CA ASP C 16 -23.39 12.89 -10.20
C ASP C 16 -24.24 13.89 -11.00
N ASN C 17 -25.01 14.71 -10.30
CA ASN C 17 -25.97 15.56 -10.96
C ASN C 17 -25.29 16.70 -11.76
N ASP C 18 -23.98 16.81 -11.63
CA ASP C 18 -23.20 17.79 -12.38
C ASP C 18 -22.32 17.12 -13.46
N LEU C 19 -22.50 15.82 -13.71
CA LEU C 19 -21.75 15.09 -14.72
C LEU C 19 -20.31 14.82 -14.33
N ASN C 20 -20.09 14.84 -13.03
CA ASN C 20 -18.81 14.43 -12.47
C ASN C 20 -18.80 12.93 -12.29
N GLN C 21 -17.65 12.28 -12.58
CA GLN C 21 -17.49 10.86 -12.35
C GLN C 21 -17.42 10.55 -10.85
N VAL C 22 -18.26 9.55 -10.44
CA VAL C 22 -18.30 9.11 -9.04
C VAL C 22 -18.06 7.61 -9.04
N THR C 23 -17.22 7.13 -8.09
CA THR C 23 -16.86 5.71 -8.05
C THR C 23 -17.04 5.26 -6.59
N LEU C 24 -16.96 3.93 -6.38
CA LEU C 24 -17.11 3.40 -5.04
C LEU C 24 -16.15 4.04 -4.05
N ALA C 25 -14.90 4.33 -4.48
CA ALA C 25 -13.92 4.90 -3.57
C ALA C 25 -14.29 6.30 -3.03
N ASP C 26 -15.17 7.03 -3.69
CA ASP C 26 -15.59 8.31 -3.19
C ASP C 26 -16.33 8.21 -1.87
N TYR C 27 -16.75 7.00 -1.51
CA TYR C 27 -17.49 6.76 -0.29
C TYR C 27 -16.71 5.87 0.68
N ALA C 28 -15.39 5.83 0.53
CA ALA C 28 -14.53 4.97 1.33
C ALA C 28 -14.71 5.27 2.81
N GLY C 29 -14.80 4.21 3.60
CA GLY C 29 -14.78 4.34 5.06
C GLY C 29 -16.16 4.45 5.71
N LYS C 30 -17.18 4.58 4.89
CA LYS C 30 -18.58 4.64 5.30
C LYS C 30 -19.30 3.34 4.95
N LYS C 31 -20.31 3.00 5.72
CA LYS C 31 -21.24 1.97 5.33
C LYS C 31 -22.20 2.60 4.32
N LYS C 32 -22.83 1.78 3.47
CA LYS C 32 -23.73 2.26 2.42
C LYS C 32 -25.02 1.47 2.37
N LEU C 33 -26.16 2.19 2.12
CA LEU C 33 -27.38 1.58 1.66
C LEU C 33 -27.53 2.06 0.21
N ILE C 34 -27.45 1.09 -0.70
CA ILE C 34 -27.60 1.42 -2.11
C ILE C 34 -29.00 1.02 -2.54
N SER C 35 -29.77 2.04 -2.94
CA SER C 35 -31.15 1.89 -3.37
C SER C 35 -31.18 2.05 -4.88
N VAL C 36 -31.58 1.04 -5.60
CA VAL C 36 -31.57 0.96 -7.05
C VAL C 36 -33.02 1.08 -7.49
N VAL C 37 -33.31 1.89 -8.48
CA VAL C 37 -34.64 2.02 -9.03
C VAL C 37 -34.64 2.06 -10.54
N PRO C 38 -35.75 1.66 -11.22
CA PRO C 38 -35.95 1.91 -12.65
C PRO C 38 -35.90 3.40 -13.02
N SER C 39 -36.70 4.21 -12.29
CA SER C 39 -36.66 5.67 -12.54
C SER C 39 -37.21 6.45 -11.38
N ILE C 40 -36.55 7.53 -10.97
CA ILE C 40 -37.00 8.38 -9.89
C ILE C 40 -38.25 9.14 -10.32
N ASP C 41 -38.58 9.14 -11.63
CA ASP C 41 -39.70 9.89 -12.17
C ASP C 41 -40.96 9.04 -12.18
N THR C 42 -40.94 7.88 -11.47
CA THR C 42 -42.11 7.03 -11.25
C THR C 42 -42.44 7.07 -9.78
N GLY C 43 -43.74 6.93 -9.47
CA GLY C 43 -44.16 7.24 -8.11
C GLY C 43 -43.65 6.22 -7.08
N VAL C 44 -43.71 4.91 -7.36
CA VAL C 44 -43.14 3.93 -6.45
C VAL C 44 -41.64 4.13 -6.18
N CYS C 45 -40.86 4.55 -7.18
CA CYS C 45 -39.44 4.80 -7.00
C CYS C 45 -39.16 6.09 -6.24
N ASP C 46 -40.02 7.09 -6.40
CA ASP C 46 -39.99 8.34 -5.67
C ASP C 46 -40.18 8.01 -4.19
N GLN C 47 -41.23 7.19 -3.91
CA GLN C 47 -41.54 6.78 -2.54
C GLN C 47 -40.38 5.97 -1.93
N GLN C 48 -39.77 5.05 -2.69
CA GLN C 48 -38.65 4.23 -2.23
C GLN C 48 -37.50 5.16 -1.81
N THR C 49 -37.19 6.16 -2.65
CA THR C 49 -36.08 7.07 -2.46
C THR C 49 -36.27 7.91 -1.20
N ARG C 50 -37.49 8.40 -1.02
CA ARG C 50 -37.82 9.23 0.11
C ARG C 50 -37.83 8.39 1.38
N LYS C 51 -38.35 7.16 1.33
CA LYS C 51 -38.39 6.39 2.57
C LYS C 51 -36.99 6.00 3.05
N PHE C 52 -36.10 5.49 2.19
CA PHE C 52 -34.76 5.17 2.62
C PHE C 52 -34.04 6.39 3.16
N ASN C 53 -34.22 7.51 2.52
CA ASN C 53 -33.52 8.73 2.88
C ASN C 53 -33.99 9.27 4.22
N SER C 54 -35.29 9.16 4.51
N SER C 54 -35.28 9.15 4.50
CA SER C 54 -35.81 9.64 5.78
CA SER C 54 -35.86 9.63 5.75
C SER C 54 -35.46 8.69 6.92
C SER C 54 -35.46 8.70 6.91
N ASP C 55 -35.50 7.38 6.66
CA ASP C 55 -35.43 6.41 7.75
C ASP C 55 -33.98 6.05 8.10
N ALA C 56 -32.98 6.23 7.25
CA ALA C 56 -31.63 5.71 7.48
C ALA C 56 -30.77 6.81 8.11
N SER C 57 -29.97 6.45 9.12
CA SER C 57 -29.09 7.39 9.80
C SER C 57 -27.91 7.73 8.90
N LYS C 58 -27.69 9.02 8.63
CA LYS C 58 -26.72 9.47 7.64
C LYS C 58 -25.48 10.05 8.28
N GLU C 59 -25.36 9.93 9.60
CA GLU C 59 -24.36 10.73 10.29
C GLU C 59 -23.08 9.89 10.35
N GLU C 60 -23.20 8.57 10.16
CA GLU C 60 -22.04 7.69 9.97
C GLU C 60 -21.88 7.35 8.47
N GLY C 61 -22.99 6.87 7.89
CA GLY C 61 -23.09 6.12 6.66
C GLY C 61 -23.90 6.86 5.61
N ILE C 62 -23.94 6.35 4.37
CA ILE C 62 -24.32 6.97 3.10
C ILE C 62 -25.56 6.23 2.57
N VAL C 63 -26.60 6.94 2.04
CA VAL C 63 -27.69 6.33 1.29
C VAL C 63 -27.52 6.76 -0.17
N LEU C 64 -27.16 5.80 -1.04
CA LEU C 64 -27.00 6.11 -2.47
C LEU C 64 -28.25 5.71 -3.18
N THR C 65 -28.78 6.54 -4.08
CA THR C 65 -29.75 6.15 -5.05
C THR C 65 -29.14 6.08 -6.44
N ILE C 66 -29.36 4.94 -7.14
CA ILE C 66 -28.71 4.70 -8.44
C ILE C 66 -29.78 4.33 -9.42
N SER C 67 -29.82 4.98 -10.58
CA SER C 67 -30.75 4.64 -11.62
C SER C 67 -30.15 4.98 -12.98
N ALA C 68 -30.87 4.70 -14.06
CA ALA C 68 -30.60 5.03 -15.41
C ALA C 68 -31.27 6.36 -15.79
N ASP C 69 -31.89 7.07 -14.86
CA ASP C 69 -32.33 8.43 -15.19
C ASP C 69 -31.16 9.25 -15.66
N LEU C 70 -31.42 10.18 -16.57
CA LEU C 70 -30.36 11.13 -16.90
C LEU C 70 -29.99 11.95 -15.68
N PRO C 71 -28.72 12.49 -15.62
CA PRO C 71 -28.33 13.32 -14.47
C PRO C 71 -29.23 14.55 -14.33
N PHE C 72 -29.70 14.99 -15.50
CA PHE C 72 -30.55 16.21 -15.54
C PHE C 72 -31.85 15.96 -14.76
N ALA C 73 -32.47 14.76 -14.93
CA ALA C 73 -33.74 14.41 -14.27
C ALA C 73 -33.47 14.30 -12.77
N GLN C 74 -32.41 13.63 -12.40
CA GLN C 74 -32.11 13.49 -10.98
C GLN C 74 -31.87 14.85 -10.31
N LYS C 75 -31.14 15.75 -10.96
CA LYS C 75 -30.93 17.14 -10.49
C LYS C 75 -32.26 17.85 -10.30
N ARG C 76 -33.13 17.75 -11.30
CA ARG C 76 -34.45 18.37 -11.24
C ARG C 76 -35.24 17.80 -10.08
N TRP C 77 -35.17 16.48 -9.92
CA TRP C 77 -35.98 15.80 -8.89
C TRP C 77 -35.59 16.30 -7.51
N CYS C 78 -34.27 16.38 -7.25
CA CYS C 78 -33.80 16.82 -5.93
C CYS C 78 -34.27 18.24 -5.66
N ALA C 79 -34.24 19.08 -6.68
CA ALA C 79 -34.59 20.49 -6.52
C ALA C 79 -36.08 20.61 -6.24
N SER C 80 -36.87 19.89 -7.05
CA SER C 80 -38.33 19.89 -6.95
C SER C 80 -38.79 19.40 -5.58
N ALA C 81 -38.06 18.44 -5.02
CA ALA C 81 -38.39 17.83 -3.76
C ALA C 81 -38.04 18.77 -2.60
N GLY C 82 -37.11 19.71 -2.88
CA GLY C 82 -36.51 20.51 -1.84
C GLY C 82 -35.62 19.67 -0.92
N LEU C 83 -35.08 18.56 -1.46
CA LEU C 83 -34.24 17.64 -0.70
C LEU C 83 -32.90 17.67 -1.37
N ASP C 84 -31.97 18.56 -0.96
CA ASP C 84 -30.83 18.91 -1.82
C ASP C 84 -29.51 18.38 -1.25
N ASN C 85 -29.58 17.54 -0.20
CA ASN C 85 -28.43 16.73 0.18
C ASN C 85 -28.70 15.23 0.09
N VAL C 86 -29.78 14.81 -0.60
CA VAL C 86 -30.09 13.43 -1.00
C VAL C 86 -29.30 13.08 -2.26
N ILE C 87 -28.48 12.00 -2.19
CA ILE C 87 -27.53 11.63 -3.22
C ILE C 87 -28.21 10.79 -4.25
N THR C 88 -28.24 11.28 -5.47
CA THR C 88 -28.72 10.53 -6.63
C THR C 88 -27.59 10.43 -7.63
N LEU C 89 -27.37 9.28 -8.23
CA LEU C 89 -26.28 9.06 -9.18
C LEU C 89 -26.82 8.31 -10.40
N SER C 90 -26.28 8.58 -11.57
CA SER C 90 -26.82 8.15 -12.87
C SER C 90 -25.89 7.16 -13.52
N ASP C 91 -26.45 5.97 -13.76
CA ASP C 91 -25.81 4.89 -14.44
C ASP C 91 -26.17 4.89 -15.92
N HIS C 92 -26.66 6.03 -16.47
CA HIS C 92 -27.08 6.03 -17.87
C HIS C 92 -26.03 5.72 -18.92
N ARG C 93 -24.80 6.17 -18.73
CA ARG C 93 -23.87 6.22 -19.87
C ARG C 93 -23.43 4.79 -20.25
N ASP C 94 -23.10 4.04 -19.21
CA ASP C 94 -22.26 2.84 -19.27
C ASP C 94 -23.01 1.59 -18.72
N LEU C 95 -24.07 1.81 -17.91
CA LEU C 95 -24.61 0.80 -17.01
C LEU C 95 -23.48 0.04 -16.28
N SER C 96 -22.47 0.78 -15.84
CA SER C 96 -21.33 0.25 -15.12
C SER C 96 -21.83 -0.38 -13.82
N PHE C 97 -22.57 0.35 -13.04
CA PHE C 97 -23.07 -0.12 -11.76
C PHE C 97 -24.05 -1.28 -12.00
N GLY C 98 -25.03 -1.13 -12.94
CA GLY C 98 -26.04 -2.14 -13.18
C GLY C 98 -25.42 -3.47 -13.59
N GLU C 99 -24.49 -3.44 -14.52
CA GLU C 99 -23.86 -4.68 -15.00
C GLU C 99 -23.03 -5.28 -13.87
N ASN C 100 -22.27 -4.46 -13.14
CA ASN C 100 -21.38 -4.92 -12.08
C ASN C 100 -22.16 -5.60 -10.95
N TYR C 101 -23.38 -5.13 -10.68
CA TYR C 101 -24.15 -5.58 -9.56
C TYR C 101 -25.27 -6.56 -9.97
N GLY C 102 -25.45 -6.76 -11.28
CA GLY C 102 -26.41 -7.74 -11.77
C GLY C 102 -27.87 -7.29 -11.71
N VAL C 103 -28.12 -5.99 -11.93
CA VAL C 103 -29.47 -5.45 -11.81
C VAL C 103 -29.93 -4.71 -13.10
N VAL C 104 -29.34 -5.02 -14.26
CA VAL C 104 -29.88 -4.50 -15.50
C VAL C 104 -31.09 -5.31 -15.93
N MET C 105 -32.17 -4.59 -16.23
CA MET C 105 -33.24 -5.21 -17.01
C MET C 105 -32.93 -4.99 -18.48
N GLU C 106 -32.32 -6.00 -19.10
CA GLU C 106 -31.67 -5.90 -20.38
C GLU C 106 -32.71 -5.51 -21.43
N GLU C 107 -33.96 -5.99 -21.33
CA GLU C 107 -34.88 -5.74 -22.41
C GLU C 107 -35.36 -4.29 -22.36
N LEU C 108 -35.21 -3.57 -21.26
CA LEU C 108 -35.71 -2.22 -21.03
C LEU C 108 -34.61 -1.16 -20.95
N ARG C 109 -33.34 -1.54 -20.76
CA ARG C 109 -32.22 -0.64 -20.44
C ARG C 109 -32.61 0.25 -19.24
N LEU C 110 -33.09 -0.37 -18.18
CA LEU C 110 -33.43 0.24 -16.91
C LEU C 110 -32.88 -0.68 -15.84
N LEU C 111 -32.60 -0.11 -14.66
CA LEU C 111 -32.15 -0.90 -13.54
C LEU C 111 -33.35 -1.41 -12.76
N ALA C 112 -33.27 -2.70 -12.39
CA ALA C 112 -34.26 -3.32 -11.52
C ALA C 112 -34.28 -2.69 -10.15
N ARG C 113 -35.49 -2.69 -9.53
CA ARG C 113 -35.61 -2.25 -8.18
C ARG C 113 -34.80 -3.20 -7.29
N ALA C 114 -33.93 -2.69 -6.44
CA ALA C 114 -33.03 -3.51 -5.66
C ALA C 114 -32.49 -2.70 -4.49
N VAL C 115 -31.94 -3.40 -3.49
CA VAL C 115 -31.29 -2.78 -2.33
C VAL C 115 -30.10 -3.62 -1.94
N PHE C 116 -28.94 -2.95 -1.82
CA PHE C 116 -27.76 -3.56 -1.26
C PHE C 116 -27.39 -2.77 -0.02
N VAL C 117 -26.81 -3.47 0.98
CA VAL C 117 -26.23 -2.83 2.13
C VAL C 117 -24.80 -3.33 2.27
N LEU C 118 -23.89 -2.34 2.31
CA LEU C 118 -22.47 -2.59 2.33
C LEU C 118 -21.92 -2.10 3.65
N ASP C 119 -21.04 -2.91 4.28
CA ASP C 119 -20.33 -2.44 5.45
C ASP C 119 -19.22 -1.44 5.06
N ALA C 120 -18.49 -0.90 6.01
CA ALA C 120 -17.44 0.09 5.69
C ALA C 120 -16.22 -0.51 4.97
N ASP C 121 -16.14 -1.82 4.91
CA ASP C 121 -15.09 -2.57 4.17
C ASP C 121 -15.68 -3.16 2.88
N ASN C 122 -16.95 -2.76 2.57
CA ASN C 122 -17.57 -3.04 1.27
C ASN C 122 -17.89 -4.53 1.14
N LYS C 123 -18.09 -5.20 2.25
CA LYS C 123 -18.79 -6.50 2.22
C LYS C 123 -20.28 -6.25 2.14
N VAL C 124 -20.90 -6.98 1.20
CA VAL C 124 -22.36 -6.94 1.01
C VAL C 124 -22.95 -7.74 2.15
N VAL C 125 -23.66 -7.08 3.08
CA VAL C 125 -24.29 -7.78 4.20
C VAL C 125 -25.78 -8.01 3.97
N TYR C 126 -26.41 -7.35 3.00
CA TYR C 126 -27.79 -7.56 2.67
C TYR C 126 -28.04 -7.24 1.19
N LYS C 127 -28.82 -8.09 0.55
CA LYS C 127 -29.26 -7.87 -0.83
C LYS C 127 -30.74 -8.20 -0.99
N GLU C 128 -31.43 -7.42 -1.82
CA GLU C 128 -32.77 -7.80 -2.28
C GLU C 128 -32.97 -7.26 -3.69
N ILE C 129 -33.28 -8.16 -4.62
CA ILE C 129 -33.78 -7.78 -5.90
C ILE C 129 -35.29 -8.01 -5.88
N VAL C 130 -36.05 -6.92 -5.97
CA VAL C 130 -37.49 -6.97 -5.79
C VAL C 130 -38.13 -7.85 -6.87
N SER C 131 -38.95 -8.84 -6.48
CA SER C 131 -39.54 -9.74 -7.48
C SER C 131 -40.60 -9.01 -8.30
N GLU C 132 -40.83 -9.44 -9.56
CA GLU C 132 -42.01 -8.99 -10.27
C GLU C 132 -43.25 -9.50 -9.52
N GLY C 133 -44.24 -8.61 -9.44
CA GLY C 133 -45.46 -8.85 -8.67
C GLY C 133 -45.38 -8.49 -7.19
N THR C 134 -44.21 -8.06 -6.70
CA THR C 134 -44.06 -7.67 -5.31
C THR C 134 -44.23 -6.16 -5.19
N ASP C 135 -45.03 -5.74 -4.21
CA ASP C 135 -45.44 -4.36 -4.04
C ASP C 135 -44.24 -3.39 -3.96
N PHE C 136 -43.33 -3.60 -2.98
CA PHE C 136 -42.24 -2.66 -2.68
C PHE C 136 -40.99 -3.48 -2.29
N PRO C 137 -39.78 -2.92 -2.16
CA PRO C 137 -38.73 -3.61 -1.40
C PRO C 137 -39.13 -3.76 0.06
N ASP C 138 -38.48 -4.70 0.76
CA ASP C 138 -38.59 -4.85 2.22
C ASP C 138 -37.77 -3.75 2.89
N PHE C 139 -38.41 -2.60 3.13
CA PHE C 139 -37.75 -1.46 3.74
C PHE C 139 -37.17 -1.84 5.09
N ASP C 140 -37.95 -2.57 5.89
CA ASP C 140 -37.53 -2.76 7.27
C ASP C 140 -36.32 -3.65 7.30
N ALA C 141 -36.28 -4.71 6.49
CA ALA C 141 -35.15 -5.64 6.50
C ALA C 141 -33.88 -4.93 6.08
N ALA C 142 -33.96 -4.06 5.07
CA ALA C 142 -32.75 -3.38 4.62
C ALA C 142 -32.31 -2.40 5.69
N LEU C 143 -33.27 -1.65 6.24
CA LEU C 143 -32.98 -0.64 7.27
C LEU C 143 -32.35 -1.27 8.52
N ALA C 144 -32.87 -2.47 8.87
CA ALA C 144 -32.34 -3.18 10.02
C ALA C 144 -30.91 -3.65 9.78
N ALA C 145 -30.66 -4.18 8.57
CA ALA C 145 -29.35 -4.69 8.21
C ALA C 145 -28.37 -3.53 8.27
N TYR C 146 -28.75 -2.36 7.73
CA TYR C 146 -27.88 -1.18 7.74
C TYR C 146 -27.58 -0.76 9.18
N LYS C 147 -28.64 -0.71 10.00
CA LYS C 147 -28.48 -0.35 11.42
C LYS C 147 -27.55 -1.29 12.18
N ASN C 148 -27.56 -2.58 11.83
CA ASN C 148 -26.82 -3.57 12.64
C ASN C 148 -25.32 -3.52 12.40
N ILE C 149 -24.85 -2.77 11.38
CA ILE C 149 -23.44 -2.52 11.24
C ILE C 149 -22.99 -1.51 12.32
N GLN D 1 21.60 -1.46 -23.93
CA GLN D 1 22.38 -0.97 -25.08
C GLN D 1 21.49 -0.87 -26.31
N GLN D 2 22.04 -0.22 -27.33
CA GLN D 2 21.27 0.77 -28.06
C GLN D 2 20.94 0.26 -29.45
N ILE D 3 19.63 0.17 -29.68
CA ILE D 3 19.07 -0.28 -30.94
C ILE D 3 18.81 0.99 -31.71
N ASN D 4 19.28 1.03 -32.96
CA ASN D 4 19.15 2.20 -33.79
C ASN D 4 18.33 1.84 -35.01
N GLU D 5 17.70 2.85 -35.61
CA GLU D 5 17.06 2.65 -36.89
C GLU D 5 18.08 2.02 -37.84
N GLY D 6 17.59 1.04 -38.60
CA GLY D 6 18.29 0.21 -39.55
C GLY D 6 18.91 -1.09 -38.99
N ASP D 7 18.99 -1.17 -37.64
CA ASP D 7 19.46 -2.38 -36.98
C ASP D 7 18.31 -3.35 -37.03
N PHE D 8 18.66 -4.59 -36.75
CA PHE D 8 17.73 -5.70 -36.67
C PHE D 8 17.20 -5.78 -35.26
N ALA D 9 15.96 -6.23 -35.19
CA ALA D 9 15.25 -6.34 -33.92
C ALA D 9 15.82 -7.50 -33.10
N PRO D 10 16.30 -7.31 -31.84
CA PRO D 10 16.66 -8.43 -30.99
C PRO D 10 15.49 -9.34 -30.63
N ASP D 11 15.87 -10.55 -30.16
CA ASP D 11 14.90 -11.49 -29.62
C ASP D 11 14.52 -11.06 -28.22
N PHE D 12 13.49 -11.72 -27.70
CA PHE D 12 13.08 -11.45 -26.33
C PHE D 12 12.23 -12.62 -25.85
N THR D 13 12.13 -12.67 -24.52
CA THR D 13 11.22 -13.65 -23.94
C THR D 13 10.37 -12.88 -22.92
N VAL D 14 9.05 -12.88 -23.13
CA VAL D 14 8.14 -12.21 -22.23
C VAL D 14 6.98 -13.15 -21.92
N LEU D 15 6.09 -12.69 -21.07
CA LEU D 15 4.92 -13.45 -20.70
C LEU D 15 3.64 -12.78 -21.20
N ASP D 16 2.73 -13.61 -21.73
CA ASP D 16 1.37 -13.22 -22.01
C ASP D 16 0.53 -13.32 -20.74
N ASN D 17 -0.71 -12.85 -20.89
CA ASN D 17 -1.55 -12.59 -19.72
C ASN D 17 -1.97 -13.86 -18.98
N ASP D 18 -1.66 -14.99 -19.62
CA ASP D 18 -1.89 -16.27 -18.99
C ASP D 18 -0.60 -16.96 -18.56
N LEU D 19 0.52 -16.22 -18.55
CA LEU D 19 1.83 -16.71 -18.11
C LEU D 19 2.45 -17.71 -19.07
N ASN D 20 1.99 -17.70 -20.31
CA ASN D 20 2.75 -18.41 -21.35
C ASN D 20 3.93 -17.56 -21.83
N GLN D 21 5.11 -18.19 -22.12
CA GLN D 21 6.25 -17.51 -22.69
C GLN D 21 5.94 -17.15 -24.14
N VAL D 22 6.35 -15.91 -24.51
CA VAL D 22 6.16 -15.37 -25.85
C VAL D 22 7.51 -14.81 -26.32
N THR D 23 7.89 -15.05 -27.58
CA THR D 23 9.14 -14.56 -28.12
C THR D 23 8.93 -13.87 -29.46
N LEU D 24 9.99 -13.26 -29.99
CA LEU D 24 9.87 -12.57 -31.25
C LEU D 24 9.28 -13.42 -32.34
N ALA D 25 9.68 -14.71 -32.37
CA ALA D 25 9.24 -15.63 -33.39
C ALA D 25 7.73 -15.88 -33.42
N ASP D 26 7.03 -15.60 -32.34
CA ASP D 26 5.60 -15.85 -32.30
C ASP D 26 4.86 -14.84 -33.17
N TYR D 27 5.55 -13.79 -33.62
CA TYR D 27 4.97 -12.80 -34.52
C TYR D 27 5.64 -12.78 -35.90
N ALA D 28 6.22 -13.91 -36.27
CA ALA D 28 6.89 -14.00 -37.57
C ALA D 28 5.97 -13.68 -38.73
N GLY D 29 6.51 -12.92 -39.65
CA GLY D 29 5.87 -12.73 -40.94
C GLY D 29 5.07 -11.44 -40.98
N LYS D 30 5.04 -10.71 -39.84
CA LYS D 30 4.19 -9.53 -39.68
C LYS D 30 5.06 -8.31 -39.37
N LYS D 31 4.61 -7.13 -39.77
CA LYS D 31 5.20 -5.90 -39.31
C LYS D 31 4.71 -5.67 -37.87
N LYS D 32 5.48 -4.95 -37.05
CA LYS D 32 5.13 -4.73 -35.63
C LYS D 32 5.28 -3.24 -35.26
N LEU D 33 4.32 -2.70 -34.49
CA LEU D 33 4.43 -1.52 -33.69
C LEU D 33 4.57 -1.96 -32.23
N ILE D 34 5.76 -1.73 -31.68
CA ILE D 34 5.98 -2.07 -30.27
C ILE D 34 5.93 -0.79 -29.43
N SER D 35 4.95 -0.69 -28.54
CA SER D 35 4.71 0.38 -27.64
C SER D 35 5.13 -0.01 -26.21
N VAL D 36 6.12 0.62 -25.69
CA VAL D 36 6.71 0.34 -24.38
C VAL D 36 6.25 1.36 -23.35
N VAL D 37 5.89 0.93 -22.13
CA VAL D 37 5.32 1.79 -21.14
C VAL D 37 5.86 1.48 -19.76
N PRO D 38 6.04 2.46 -18.87
CA PRO D 38 6.39 2.15 -17.48
C PRO D 38 5.27 1.37 -16.77
N SER D 39 3.98 1.72 -16.97
CA SER D 39 2.96 0.83 -16.36
C SER D 39 1.64 1.19 -17.01
N ILE D 40 0.92 0.18 -17.50
CA ILE D 40 -0.42 0.34 -17.99
C ILE D 40 -1.39 0.90 -16.94
N ASP D 41 -1.03 0.86 -15.65
CA ASP D 41 -1.94 1.30 -14.58
C ASP D 41 -1.76 2.78 -14.28
N THR D 42 -1.10 3.52 -15.20
CA THR D 42 -1.02 4.97 -15.12
C THR D 42 -1.78 5.55 -16.29
N GLY D 43 -2.28 6.77 -16.08
CA GLY D 43 -3.13 7.38 -17.07
C GLY D 43 -2.46 7.59 -18.44
N VAL D 44 -1.26 8.22 -18.44
CA VAL D 44 -0.53 8.53 -19.67
C VAL D 44 -0.29 7.25 -20.51
N CYS D 45 0.06 6.15 -19.80
CA CYS D 45 0.37 4.90 -20.43
C CYS D 45 -0.86 4.18 -20.96
N ASP D 46 -1.98 4.29 -20.24
CA ASP D 46 -3.30 3.82 -20.67
C ASP D 46 -3.70 4.50 -21.99
N GLN D 47 -3.51 5.83 -22.02
CA GLN D 47 -3.81 6.56 -23.25
C GLN D 47 -2.90 6.18 -24.42
N GLN D 48 -1.56 6.03 -24.19
CA GLN D 48 -0.63 5.58 -25.23
C GLN D 48 -1.08 4.22 -25.81
N THR D 49 -1.47 3.30 -24.94
CA THR D 49 -1.85 1.95 -25.32
C THR D 49 -3.11 1.95 -26.19
N ARG D 50 -4.09 2.70 -25.74
CA ARG D 50 -5.33 2.81 -26.47
C ARG D 50 -5.10 3.51 -27.80
N LYS D 51 -4.28 4.57 -27.82
CA LYS D 51 -4.18 5.29 -29.08
C LYS D 51 -3.47 4.45 -30.17
N PHE D 52 -2.31 3.83 -29.89
CA PHE D 52 -1.65 3.01 -30.88
C PHE D 52 -2.57 1.87 -31.33
N ASN D 53 -3.31 1.30 -30.42
CA ASN D 53 -4.18 0.19 -30.76
C ASN D 53 -5.35 0.58 -31.67
N SER D 54 -5.92 1.77 -31.42
N SER D 54 -6.04 1.68 -31.40
CA SER D 54 -7.06 2.25 -32.19
CA SER D 54 -7.07 2.13 -32.35
C SER D 54 -6.60 2.76 -33.57
C SER D 54 -6.43 2.53 -33.68
N ASP D 55 -5.45 3.42 -33.62
CA ASP D 55 -5.09 4.18 -34.82
C ASP D 55 -4.27 3.34 -35.80
N ALA D 56 -3.68 2.22 -35.39
CA ALA D 56 -2.89 1.35 -36.28
C ALA D 56 -3.81 0.29 -36.88
N SER D 57 -3.68 0.05 -38.17
CA SER D 57 -4.42 -1.03 -38.83
C SER D 57 -3.88 -2.38 -38.36
N LYS D 58 -4.77 -3.21 -37.79
CA LYS D 58 -4.42 -4.55 -37.34
C LYS D 58 -4.85 -5.60 -38.35
N GLU D 59 -5.44 -5.13 -39.46
CA GLU D 59 -5.43 -5.84 -40.72
C GLU D 59 -4.01 -5.75 -41.30
N GLU D 60 -3.22 -4.78 -40.81
CA GLU D 60 -1.93 -4.43 -41.39
C GLU D 60 -0.74 -5.20 -40.82
N GLY D 61 -0.65 -5.26 -39.50
CA GLY D 61 0.48 -5.77 -38.72
C GLY D 61 0.04 -6.03 -37.29
N ILE D 62 0.98 -6.22 -36.33
CA ILE D 62 0.72 -6.44 -34.91
CA ILE D 62 0.61 -6.37 -34.91
C ILE D 62 1.12 -5.22 -34.06
N VAL D 63 0.28 -4.84 -33.07
CA VAL D 63 0.60 -3.77 -32.13
C VAL D 63 0.84 -4.40 -30.75
N LEU D 64 2.10 -4.39 -30.31
CA LEU D 64 2.48 -4.98 -29.00
C LEU D 64 2.66 -3.92 -27.95
N THR D 65 2.15 -4.15 -26.73
CA THR D 65 2.32 -3.31 -25.54
C THR D 65 3.16 -4.09 -24.58
N ILE D 66 4.37 -3.58 -24.25
CA ILE D 66 5.24 -4.22 -23.30
C ILE D 66 5.57 -3.35 -22.13
N SER D 67 5.49 -3.93 -20.93
CA SER D 67 5.81 -3.25 -19.67
C SER D 67 6.33 -4.25 -18.66
N ALA D 68 6.77 -3.74 -17.51
CA ALA D 68 7.23 -4.55 -16.39
C ALA D 68 6.00 -4.86 -15.47
N ASP D 69 4.80 -4.38 -15.80
CA ASP D 69 3.61 -4.77 -15.02
C ASP D 69 3.59 -6.28 -14.89
N LEU D 70 3.07 -6.76 -13.76
CA LEU D 70 2.77 -8.20 -13.71
C LEU D 70 1.76 -8.59 -14.78
N PRO D 71 1.82 -9.92 -15.19
CA PRO D 71 0.83 -10.42 -16.14
C PRO D 71 -0.61 -10.24 -15.60
N PHE D 72 -0.73 -10.34 -14.25
CA PHE D 72 -2.05 -10.29 -13.63
C PHE D 72 -2.63 -8.91 -13.84
N ALA D 73 -1.81 -7.81 -13.71
CA ALA D 73 -2.33 -6.47 -13.90
C ALA D 73 -2.73 -6.26 -15.38
N GLN D 74 -1.92 -6.82 -16.29
CA GLN D 74 -2.22 -6.60 -17.69
C GLN D 74 -3.51 -7.31 -18.03
N LYS D 75 -3.72 -8.53 -17.52
CA LYS D 75 -4.91 -9.32 -17.72
C LYS D 75 -6.09 -8.54 -17.18
N ARG D 76 -5.99 -8.03 -15.95
CA ARG D 76 -7.08 -7.27 -15.36
C ARG D 76 -7.39 -6.00 -16.17
N TRP D 77 -6.36 -5.32 -16.71
CA TRP D 77 -6.55 -4.09 -17.47
C TRP D 77 -7.35 -4.38 -18.72
N CYS D 78 -6.99 -5.44 -19.43
CA CYS D 78 -7.64 -5.82 -20.69
C CYS D 78 -9.10 -6.16 -20.37
N ALA D 79 -9.31 -6.85 -19.26
CA ALA D 79 -10.63 -7.39 -18.91
C ALA D 79 -11.53 -6.17 -18.61
N SER D 80 -11.01 -5.31 -17.75
CA SER D 80 -11.79 -4.19 -17.20
C SER D 80 -12.07 -3.18 -18.31
N ALA D 81 -11.16 -3.09 -19.28
CA ALA D 81 -11.26 -2.16 -20.38
C ALA D 81 -12.25 -2.69 -21.42
N GLY D 82 -12.57 -4.00 -21.37
CA GLY D 82 -13.36 -4.62 -22.41
C GLY D 82 -12.62 -4.67 -23.76
N LEU D 83 -11.29 -4.79 -23.70
CA LEU D 83 -10.45 -4.78 -24.89
C LEU D 83 -9.87 -6.18 -25.05
N ASP D 84 -10.45 -6.96 -25.98
CA ASP D 84 -10.04 -8.35 -26.22
C ASP D 84 -9.21 -8.48 -27.51
N ASN D 85 -8.85 -7.35 -28.12
CA ASN D 85 -7.95 -7.28 -29.26
C ASN D 85 -6.70 -6.45 -28.96
N VAL D 86 -6.34 -6.29 -27.68
CA VAL D 86 -5.12 -5.56 -27.32
C VAL D 86 -4.12 -6.59 -26.75
N ILE D 87 -2.93 -6.71 -27.36
CA ILE D 87 -1.87 -7.61 -26.90
C ILE D 87 -1.02 -6.86 -25.90
N THR D 88 -1.01 -7.37 -24.65
CA THR D 88 -0.15 -6.90 -23.60
C THR D 88 0.81 -7.99 -23.21
N LEU D 89 2.07 -7.64 -22.97
CA LEU D 89 3.09 -8.63 -22.59
C LEU D 89 3.90 -8.08 -21.44
N SER D 90 4.31 -8.97 -20.53
CA SER D 90 5.02 -8.63 -19.30
C SER D 90 6.47 -9.07 -19.38
N ASP D 91 7.36 -8.06 -19.21
CA ASP D 91 8.79 -8.25 -19.12
C ASP D 91 9.24 -8.30 -17.66
N HIS D 92 8.32 -8.54 -16.66
CA HIS D 92 8.66 -8.40 -15.25
C HIS D 92 9.77 -9.33 -14.83
N ARG D 93 9.73 -10.56 -15.33
CA ARG D 93 10.51 -11.62 -14.70
C ARG D 93 12.01 -11.37 -14.83
N ASP D 94 12.48 -11.04 -16.04
CA ASP D 94 13.90 -11.09 -16.39
C ASP D 94 14.36 -9.79 -17.09
N LEU D 95 13.42 -8.87 -17.45
CA LEU D 95 13.74 -7.69 -18.25
C LEU D 95 14.46 -8.11 -19.55
N SER D 96 14.12 -9.24 -20.12
CA SER D 96 14.64 -9.72 -21.41
C SER D 96 14.45 -8.67 -22.50
N PHE D 97 13.22 -8.25 -22.71
CA PHE D 97 12.91 -7.26 -23.74
C PHE D 97 13.62 -5.94 -23.40
N GLY D 98 13.43 -5.38 -22.17
CA GLY D 98 13.97 -4.03 -21.87
C GLY D 98 15.49 -4.04 -22.00
N GLU D 99 16.19 -5.06 -21.51
CA GLU D 99 17.66 -5.10 -21.66
C GLU D 99 18.06 -5.21 -23.12
N ASN D 100 17.41 -6.09 -23.88
CA ASN D 100 17.78 -6.29 -25.28
C ASN D 100 17.52 -5.04 -26.10
N TYR D 101 16.50 -4.24 -25.79
CA TYR D 101 16.11 -3.07 -26.58
C TYR D 101 16.64 -1.77 -25.96
N GLY D 102 17.29 -1.82 -24.81
CA GLY D 102 18.04 -0.72 -24.23
C GLY D 102 17.13 0.33 -23.57
N VAL D 103 16.01 -0.15 -22.97
CA VAL D 103 14.94 0.75 -22.50
C VAL D 103 14.60 0.53 -21.01
N VAL D 104 15.48 -0.09 -20.23
CA VAL D 104 15.26 -0.16 -18.80
C VAL D 104 15.68 1.18 -18.16
N MET D 105 14.80 1.70 -17.31
CA MET D 105 15.14 2.71 -16.33
C MET D 105 15.69 2.03 -15.08
N GLU D 106 17.00 1.83 -15.02
CA GLU D 106 17.56 0.83 -14.12
C GLU D 106 17.37 1.26 -12.67
N GLU D 107 17.33 2.55 -12.36
CA GLU D 107 17.13 2.95 -10.96
C GLU D 107 15.70 2.61 -10.49
N LEU D 108 14.70 2.43 -11.36
CA LEU D 108 13.32 2.12 -10.99
C LEU D 108 12.94 0.67 -11.26
N ARG D 109 13.66 -0.02 -12.13
CA ARG D 109 13.30 -1.35 -12.61
C ARG D 109 11.96 -1.25 -13.32
N LEU D 110 11.78 -0.24 -14.15
CA LEU D 110 10.68 -0.11 -15.06
C LEU D 110 11.23 0.15 -16.47
N LEU D 111 10.35 -0.03 -17.47
CA LEU D 111 10.67 0.29 -18.84
C LEU D 111 10.30 1.74 -19.13
N ALA D 112 11.23 2.37 -19.87
CA ALA D 112 11.02 3.69 -20.38
C ALA D 112 9.94 3.74 -21.45
N ARG D 113 9.14 4.80 -21.47
CA ARG D 113 8.24 5.01 -22.59
C ARG D 113 9.02 5.06 -23.92
N ALA D 114 8.67 4.23 -24.89
CA ALA D 114 9.46 4.06 -26.12
C ALA D 114 8.56 3.42 -27.19
N VAL D 115 8.90 3.61 -28.47
CA VAL D 115 8.20 3.03 -29.60
C VAL D 115 9.20 2.54 -30.64
N PHE D 116 9.03 1.26 -31.02
CA PHE D 116 9.80 0.71 -32.10
C PHE D 116 8.86 0.19 -33.18
N VAL D 117 9.18 0.51 -34.44
CA VAL D 117 8.43 -0.05 -35.54
C VAL D 117 9.35 -0.94 -36.39
N LEU D 118 8.84 -2.14 -36.60
CA LEU D 118 9.60 -3.20 -37.22
C LEU D 118 8.91 -3.58 -38.51
N ASP D 119 9.69 -3.75 -39.60
CA ASP D 119 9.08 -4.31 -40.80
C ASP D 119 8.93 -5.84 -40.64
N ALA D 120 8.40 -6.51 -41.66
CA ALA D 120 8.10 -7.94 -41.56
C ALA D 120 9.33 -8.82 -41.44
N ASP D 121 10.50 -8.28 -41.79
CA ASP D 121 11.77 -9.01 -41.64
C ASP D 121 12.58 -8.46 -40.46
N ASN D 122 11.89 -7.70 -39.58
CA ASN D 122 12.39 -7.33 -38.28
C ASN D 122 13.55 -6.36 -38.39
N LYS D 123 13.56 -5.57 -39.47
CA LYS D 123 14.43 -4.38 -39.47
C LYS D 123 13.70 -3.30 -38.70
N VAL D 124 14.44 -2.67 -37.78
CA VAL D 124 13.88 -1.49 -37.07
C VAL D 124 13.87 -0.30 -38.03
N VAL D 125 12.67 0.17 -38.43
CA VAL D 125 12.56 1.31 -39.35
C VAL D 125 12.21 2.62 -38.64
N TYR D 126 11.89 2.59 -37.35
CA TYR D 126 11.56 3.76 -36.62
C TYR D 126 11.75 3.46 -35.11
N LYS D 127 12.37 4.40 -34.42
CA LYS D 127 12.52 4.33 -32.98
C LYS D 127 12.32 5.71 -32.36
N GLU D 128 11.63 5.75 -31.21
CA GLU D 128 11.64 6.88 -30.28
C GLU D 128 11.78 6.38 -28.85
N ILE D 129 12.78 6.80 -28.10
CA ILE D 129 12.70 6.70 -26.67
C ILE D 129 12.34 8.07 -26.11
N VAL D 130 11.14 8.16 -25.49
CA VAL D 130 10.54 9.46 -25.18
C VAL D 130 11.40 10.18 -24.14
N SER D 131 11.80 11.45 -24.43
CA SER D 131 12.64 12.20 -23.50
C SER D 131 11.96 12.47 -22.17
N GLU D 132 12.75 12.47 -21.07
CA GLU D 132 12.31 12.77 -19.72
C GLU D 132 11.57 14.12 -19.72
N GLY D 133 10.33 14.13 -19.20
CA GLY D 133 9.55 15.36 -19.07
C GLY D 133 8.86 15.88 -20.34
N THR D 134 8.90 15.10 -21.42
CA THR D 134 8.06 15.36 -22.58
C THR D 134 6.73 14.63 -22.42
N ASP D 135 5.63 15.33 -22.74
CA ASP D 135 4.30 14.79 -22.45
C ASP D 135 4.04 13.38 -23.00
N PHE D 136 4.19 13.16 -24.31
CA PHE D 136 3.81 11.91 -24.98
C PHE D 136 4.82 11.55 -26.07
N PRO D 137 4.86 10.30 -26.56
CA PRO D 137 5.58 9.97 -27.80
C PRO D 137 4.96 10.70 -28.97
N ASP D 138 5.69 10.73 -30.09
CA ASP D 138 5.22 11.25 -31.38
C ASP D 138 4.37 10.18 -32.04
N PHE D 139 3.07 10.17 -31.72
CA PHE D 139 2.19 9.12 -32.22
C PHE D 139 2.16 9.16 -33.75
N ASP D 140 2.08 10.37 -34.30
CA ASP D 140 1.87 10.49 -35.73
C ASP D 140 3.06 9.95 -36.50
N ALA D 141 4.29 10.22 -36.05
CA ALA D 141 5.47 9.79 -36.78
C ALA D 141 5.59 8.27 -36.72
N ALA D 142 5.28 7.68 -35.56
CA ALA D 142 5.42 6.23 -35.48
C ALA D 142 4.34 5.56 -36.33
N LEU D 143 3.13 6.09 -36.27
CA LEU D 143 2.02 5.53 -37.06
C LEU D 143 2.22 5.69 -38.54
N ALA D 144 2.85 6.80 -38.94
CA ALA D 144 3.21 6.99 -40.34
C ALA D 144 4.23 5.94 -40.79
N ALA D 145 5.26 5.69 -39.95
CA ALA D 145 6.32 4.77 -40.27
C ALA D 145 5.67 3.40 -40.44
N TYR D 146 4.78 3.04 -39.49
CA TYR D 146 4.10 1.76 -39.53
C TYR D 146 3.28 1.60 -40.79
N LYS D 147 2.46 2.63 -41.07
CA LYS D 147 1.56 2.54 -42.22
C LYS D 147 2.33 2.49 -43.53
N ASN D 148 3.52 3.11 -43.59
CA ASN D 148 4.30 3.16 -44.82
C ASN D 148 4.91 1.82 -45.21
N ILE D 149 4.92 0.82 -44.32
CA ILE D 149 5.63 -0.42 -44.59
C ILE D 149 4.81 -1.22 -45.58
#